data_5NG2
#
_entry.id   5NG2
#
_cell.length_a   96.083
_cell.length_b   96.083
_cell.length_c   202.266
_cell.angle_alpha   90.00
_cell.angle_beta   90.00
_cell.angle_gamma   90.00
#
_symmetry.space_group_name_H-M   'P 41 21 2'
#
loop_
_entity.id
_entity.type
_entity.pdbx_description
1 polymer 'Receptor-interacting serine/threonine-protein kinase 2'
2 non-polymer STAUROSPORINE
3 non-polymer 'PHOSPHATE ION'
4 water water
#
_entity_poly.entity_id   1
_entity_poly.type   'polypeptide(L)'
_entity_poly.pdbx_seq_one_letter_code
;GAMAMNGEAICSALPTIPYHKLADLRYLSRGASGTVSSARHADWRVQVAVKHLHIHTPLLDSERKDVLREAEILHKARFS
YILPILGICNEPEFLGIVTEYMPNGSLNELLHRKTEYPDVAWPLRFRILHEIALGVNYLHNMTPPLLHHNLKTQNILLDN
EFHVKIADFGLSKWRMMSLSQSRSSKSAPEGGTIIYMPPENYEPGQKSRASIKHDIYSYAVITWEVLSRKQPFEDVTNPL
QIMYSVSQGHRPVINEESLPYDIPHRARMISLIESGWAQNPDERPSFLKCLIELEPVLRTFEEI
;
_entity_poly.pdbx_strand_id   A,B
#
# COMPACT_ATOMS: atom_id res chain seq x y z
N ALA A 9 8.98 -2.29 21.70
CA ALA A 9 10.32 -2.74 21.23
C ALA A 9 10.67 -2.16 19.85
N ILE A 10 9.79 -2.37 18.85
CA ILE A 10 10.05 -2.02 17.45
C ILE A 10 9.39 -0.71 17.04
N CYS A 11 10.20 0.27 16.65
CA CYS A 11 9.67 1.50 16.05
C CYS A 11 10.50 2.05 14.86
N SER A 12 9.89 2.94 14.08
CA SER A 12 10.46 3.47 12.86
C SER A 12 10.21 4.96 12.74
N ALA A 13 11.29 5.71 12.51
CA ALA A 13 11.20 7.15 12.27
C ALA A 13 10.68 7.42 10.85
N LEU A 14 9.84 8.44 10.73
CA LEU A 14 9.39 8.94 9.43
C LEU A 14 10.58 9.57 8.70
N PRO A 15 10.81 9.18 7.43
CA PRO A 15 11.93 9.72 6.66
C PRO A 15 11.84 11.23 6.45
N THR A 16 12.99 11.90 6.55
CA THR A 16 13.09 13.33 6.24
C THR A 16 13.61 13.51 4.83
N ILE A 17 12.85 14.25 4.02
CA ILE A 17 13.18 14.48 2.61
C ILE A 17 13.78 15.88 2.41
N PRO A 18 15.06 15.94 1.97
CA PRO A 18 15.65 17.21 1.58
C PRO A 18 14.88 17.87 0.44
N TYR A 19 14.72 19.18 0.52
CA TYR A 19 13.95 19.97 -0.47
C TYR A 19 14.35 19.71 -1.93
N HIS A 20 15.67 19.61 -2.18
CA HIS A 20 16.20 19.41 -3.53
C HIS A 20 15.85 18.06 -4.17
N LYS A 21 15.38 17.12 -3.35
CA LYS A 21 14.93 15.80 -3.84
C LYS A 21 13.55 15.88 -4.52
N LEU A 22 12.81 16.97 -4.29
CA LEU A 22 11.49 17.16 -4.89
C LEU A 22 11.56 18.08 -6.11
N ALA A 23 11.27 17.51 -7.28
CA ALA A 23 11.33 18.23 -8.57
C ALA A 23 9.98 18.27 -9.27
N ASP A 24 9.82 19.19 -10.24
CA ASP A 24 8.61 19.37 -11.05
C ASP A 24 7.32 19.59 -10.23
N LEU A 25 7.37 20.53 -9.27
CA LEU A 25 6.19 20.87 -8.47
C LEU A 25 5.08 21.51 -9.30
N ARG A 26 3.89 20.91 -9.26
CA ARG A 26 2.72 21.38 -9.99
C ARG A 26 1.52 21.36 -9.06
N TYR A 27 0.70 22.39 -9.15
CA TYR A 27 -0.45 22.55 -8.25
C TYR A 27 -1.59 21.58 -8.58
N LEU A 28 -2.07 20.89 -7.55
CA LEU A 28 -3.24 19.99 -7.66
C LEU A 28 -4.48 20.58 -6.99
N SER A 29 -4.27 21.31 -5.90
CA SER A 29 -5.33 22.01 -5.16
C SER A 29 -4.71 23.09 -4.29
N ARG A 30 -5.40 24.22 -4.18
CA ARG A 30 -4.97 25.31 -3.30
C ARG A 30 -6.12 25.76 -2.41
N GLY A 31 -5.87 25.81 -1.10
CA GLY A 31 -6.89 26.19 -0.11
C GLY A 31 -6.42 27.29 0.82
N ALA A 32 -7.06 27.37 2.00
CA ALA A 32 -6.79 28.38 3.02
C ALA A 32 -5.42 28.18 3.69
N SER A 33 -5.26 27.04 4.38
CA SER A 33 -3.97 26.65 4.98
C SER A 33 -3.25 25.58 4.13
N GLY A 34 -4.03 24.68 3.52
CA GLY A 34 -3.50 23.51 2.80
C GLY A 34 -3.49 23.62 1.28
N THR A 35 -2.29 23.50 0.71
CA THR A 35 -2.04 23.46 -0.73
C THR A 35 -1.41 22.10 -1.05
N VAL A 36 -1.86 21.47 -2.13
CA VAL A 36 -1.34 20.16 -2.56
C VAL A 36 -0.70 20.27 -3.94
N SER A 37 0.55 19.81 -4.04
CA SER A 37 1.31 19.76 -5.28
C SER A 37 1.74 18.34 -5.60
N SER A 38 1.82 18.02 -6.89
CA SER A 38 2.46 16.77 -7.35
C SER A 38 3.94 17.03 -7.64
N ALA A 39 4.76 16.00 -7.48
CA ALA A 39 6.21 16.13 -7.66
C ALA A 39 6.87 14.82 -8.08
N ARG A 40 8.08 14.93 -8.62
CA ARG A 40 8.99 13.81 -8.83
C ARG A 40 9.93 13.74 -7.64
N HIS A 41 10.12 12.53 -7.10
CA HIS A 41 11.20 12.31 -6.13
C HIS A 41 12.43 11.83 -6.89
N ALA A 42 13.51 12.61 -6.80
CA ALA A 42 14.73 12.40 -7.59
C ALA A 42 15.44 11.07 -7.33
N ASP A 43 15.41 10.60 -6.08
CA ASP A 43 16.00 9.32 -5.70
C ASP A 43 15.10 8.13 -6.03
N TRP A 44 13.85 8.20 -5.55
CA TRP A 44 12.90 7.07 -5.65
C TRP A 44 12.33 6.84 -7.05
N ARG A 45 12.42 7.86 -7.91
CA ARG A 45 11.95 7.84 -9.31
C ARG A 45 10.44 7.62 -9.45
N VAL A 46 9.69 8.03 -8.44
CA VAL A 46 8.22 7.94 -8.46
C VAL A 46 7.60 9.32 -8.33
N GLN A 47 6.36 9.43 -8.82
CA GLN A 47 5.57 10.62 -8.62
C GLN A 47 4.99 10.60 -7.21
N VAL A 48 5.12 11.74 -6.52
CA VAL A 48 4.62 11.89 -5.15
C VAL A 48 3.60 13.04 -5.09
N ALA A 49 2.86 13.10 -3.99
CA ALA A 49 2.08 14.28 -3.66
C ALA A 49 2.66 14.96 -2.44
N VAL A 50 2.63 16.28 -2.44
CA VAL A 50 3.18 17.11 -1.37
C VAL A 50 2.06 18.02 -0.85
N LYS A 51 1.63 17.80 0.39
CA LYS A 51 0.71 18.71 1.05
C LYS A 51 1.53 19.70 1.86
N HIS A 52 1.55 20.95 1.40
CA HIS A 52 2.42 21.98 1.95
C HIS A 52 1.71 23.30 2.24
N LEU A 53 2.30 24.10 3.14
CA LEU A 53 1.90 25.47 3.38
C LEU A 53 2.28 26.35 2.18
N HIS A 54 1.53 27.44 1.98
CA HIS A 54 1.80 28.40 0.89
C HIS A 54 3.26 28.85 0.91
N ILE A 55 3.93 28.71 -0.24
CA ILE A 55 5.37 28.99 -0.38
C ILE A 55 5.69 30.49 -0.32
N HIS A 56 4.68 31.32 -0.62
CA HIS A 56 4.80 32.79 -0.64
C HIS A 56 4.74 33.47 0.74
N THR A 57 3.68 33.18 1.51
CA THR A 57 3.46 33.76 2.85
C THR A 57 4.43 33.17 3.91
N PRO A 58 4.82 33.96 4.94
CA PRO A 58 5.71 33.45 6.00
C PRO A 58 5.12 32.28 6.80
N LEU A 59 5.98 31.34 7.17
CA LEU A 59 5.59 30.11 7.85
C LEU A 59 5.58 30.28 9.36
N LEU A 60 4.39 30.47 9.93
CA LEU A 60 4.19 30.69 11.36
C LEU A 60 4.39 29.41 12.18
N ASP A 61 4.88 29.56 13.41
CA ASP A 61 5.20 28.44 14.31
C ASP A 61 4.02 27.56 14.75
N SER A 62 2.82 28.15 14.80
CA SER A 62 1.59 27.41 15.11
C SER A 62 1.12 26.57 13.92
N GLU A 63 1.35 27.08 12.71
CA GLU A 63 1.09 26.34 11.46
C GLU A 63 2.08 25.20 11.25
N ARG A 64 3.28 25.36 11.81
CA ARG A 64 4.37 24.38 11.73
C ARG A 64 4.11 23.15 12.59
N LYS A 65 3.64 23.37 13.82
CA LYS A 65 3.32 22.29 14.76
C LYS A 65 2.07 21.50 14.33
N ASP A 66 1.18 22.18 13.61
CA ASP A 66 -0.02 21.56 13.00
C ASP A 66 0.32 20.52 11.94
N VAL A 67 1.29 20.84 11.08
CA VAL A 67 1.72 19.96 9.98
C VAL A 67 2.50 18.76 10.53
N LEU A 68 3.39 19.00 11.49
CA LEU A 68 4.14 17.93 12.17
C LEU A 68 3.24 16.96 12.93
N ARG A 69 2.11 17.48 13.43
CA ARG A 69 1.10 16.69 14.13
C ARG A 69 0.34 15.78 13.17
N GLU A 70 -0.09 16.36 12.04
CA GLU A 70 -0.80 15.63 10.97
C GLU A 70 0.08 14.53 10.37
N ALA A 71 1.38 14.81 10.22
CA ALA A 71 2.37 13.85 9.71
C ALA A 71 2.57 12.69 10.68
N GLU A 72 2.60 12.99 11.98
CA GLU A 72 2.73 11.98 13.02
C GLU A 72 1.52 11.06 13.08
N ILE A 73 0.34 11.63 12.87
CA ILE A 73 -0.90 10.88 12.81
C ILE A 73 -0.87 9.91 11.63
N LEU A 74 -0.60 10.42 10.42
CA LEU A 74 -0.53 9.59 9.21
C LEU A 74 0.47 8.43 9.34
N HIS A 75 1.61 8.71 9.96
CA HIS A 75 2.70 7.75 10.13
C HIS A 75 2.32 6.65 11.13
N LYS A 76 1.64 7.03 12.21
CA LYS A 76 1.17 6.08 13.20
C LYS A 76 -0.03 5.28 12.70
N ALA A 77 -0.86 5.89 11.85
CA ALA A 77 -2.14 5.31 11.44
C ALA A 77 -2.13 4.60 10.08
N ARG A 78 -0.95 4.22 9.62
CA ARG A 78 -0.80 3.55 8.32
C ARG A 78 -1.44 2.16 8.30
N PHE A 79 -2.18 1.91 7.22
CA PHE A 79 -3.03 0.72 7.04
C PHE A 79 -3.52 0.75 5.58
N SER A 80 -3.91 -0.42 5.07
CA SER A 80 -4.33 -0.63 3.67
C SER A 80 -5.24 0.42 3.03
N TYR A 81 -6.07 1.08 3.84
CA TYR A 81 -7.08 2.02 3.33
C TYR A 81 -6.89 3.46 3.85
N ILE A 82 -5.71 3.70 4.42
CA ILE A 82 -5.29 5.02 4.85
C ILE A 82 -4.17 5.49 3.90
N LEU A 83 -4.25 6.75 3.50
CA LEU A 83 -3.23 7.38 2.64
C LEU A 83 -1.83 7.16 3.24
N PRO A 84 -0.92 6.52 2.46
CA PRO A 84 0.44 6.28 2.97
C PRO A 84 1.31 7.54 2.91
N ILE A 85 1.88 7.91 4.05
CA ILE A 85 2.87 9.00 4.12
C ILE A 85 4.28 8.42 3.84
N LEU A 86 5.00 9.05 2.90
CA LEU A 86 6.34 8.61 2.52
C LEU A 86 7.43 9.32 3.32
N GLY A 87 7.20 10.57 3.68
CA GLY A 87 8.13 11.35 4.49
C GLY A 87 7.70 12.78 4.77
N ILE A 88 8.56 13.50 5.49
CA ILE A 88 8.35 14.92 5.82
C ILE A 88 9.46 15.78 5.19
N CYS A 89 9.08 16.92 4.63
CA CYS A 89 10.04 17.92 4.17
C CYS A 89 10.00 19.14 5.09
N ASN A 90 11.03 19.25 5.92
CA ASN A 90 11.07 20.24 7.00
C ASN A 90 12.26 21.19 6.86
N GLU A 91 12.03 22.31 6.17
CA GLU A 91 13.07 23.30 5.87
C GLU A 91 12.71 24.67 6.48
N PRO A 92 13.70 25.57 6.66
CA PRO A 92 13.40 26.97 6.97
C PRO A 92 12.38 27.64 6.03
N GLU A 93 12.53 27.45 4.72
CA GLU A 93 11.61 28.05 3.73
C GLU A 93 10.33 27.24 3.49
N PHE A 94 10.43 25.92 3.63
CA PHE A 94 9.41 24.98 3.12
C PHE A 94 8.99 23.95 4.17
N LEU A 95 7.69 23.69 4.24
CA LEU A 95 7.16 22.62 5.09
C LEU A 95 6.07 21.85 4.37
N GLY A 96 6.28 20.54 4.21
CA GLY A 96 5.39 19.69 3.42
C GLY A 96 5.36 18.23 3.82
N ILE A 97 4.17 17.65 3.79
CA ILE A 97 3.97 16.22 3.98
C ILE A 97 4.03 15.57 2.60
N VAL A 98 4.94 14.61 2.44
CA VAL A 98 5.06 13.88 1.19
C VAL A 98 4.33 12.54 1.30
N THR A 99 3.32 12.36 0.45
CA THR A 99 2.50 11.14 0.42
C THR A 99 2.52 10.50 -0.96
N GLU A 100 2.00 9.28 -1.04
CA GLU A 100 1.75 8.59 -2.30
C GLU A 100 0.82 9.41 -3.18
N TYR A 101 1.06 9.35 -4.49
CA TYR A 101 0.22 10.05 -5.46
C TYR A 101 -0.95 9.17 -5.88
N MET A 102 -2.14 9.77 -5.89
CA MET A 102 -3.38 9.08 -6.23
C MET A 102 -3.88 9.53 -7.60
N PRO A 103 -3.70 8.70 -8.64
CA PRO A 103 -3.96 9.10 -10.03
C PRO A 103 -5.44 9.44 -10.31
N ASN A 104 -6.35 8.81 -9.57
CA ASN A 104 -7.79 8.97 -9.80
C ASN A 104 -8.49 10.03 -8.95
N GLY A 105 -7.72 10.76 -8.14
CA GLY A 105 -8.23 11.87 -7.33
C GLY A 105 -9.18 11.45 -6.22
N SER A 106 -10.11 12.34 -5.89
CA SER A 106 -11.08 12.13 -4.81
C SER A 106 -12.39 11.47 -5.29
N LEU A 107 -13.12 10.88 -4.34
CA LEU A 107 -14.33 10.10 -4.61
C LEU A 107 -15.45 10.92 -5.22
N ASN A 108 -15.55 12.20 -4.85
CA ASN A 108 -16.60 13.07 -5.36
C ASN A 108 -16.48 13.26 -6.88
N GLU A 109 -15.24 13.26 -7.39
CA GLU A 109 -14.96 13.33 -8.82
C GLU A 109 -15.58 12.15 -9.55
N LEU A 110 -15.45 10.94 -8.98
CA LEU A 110 -16.06 9.73 -9.54
C LEU A 110 -17.59 9.76 -9.51
N LEU A 111 -18.16 10.27 -8.41
CA LEU A 111 -19.61 10.28 -8.22
C LEU A 111 -20.31 11.38 -9.02
N HIS A 112 -19.67 12.54 -9.15
CA HIS A 112 -20.34 13.74 -9.68
C HIS A 112 -19.91 14.22 -11.08
N ARG A 113 -18.81 13.68 -11.62
CA ARG A 113 -18.44 13.96 -13.00
C ARG A 113 -19.05 12.88 -13.91
N LYS A 114 -20.32 13.08 -14.23
CA LYS A 114 -21.15 12.08 -14.92
C LYS A 114 -20.86 11.92 -16.42
N THR A 115 -20.21 12.92 -17.02
CA THR A 115 -19.74 12.81 -18.40
C THR A 115 -18.51 11.89 -18.45
N GLU A 116 -17.55 12.15 -17.56
CA GLU A 116 -16.33 11.34 -17.46
C GLU A 116 -16.59 9.90 -17.00
N TYR A 117 -17.57 9.73 -16.10
CA TYR A 117 -17.96 8.40 -15.61
C TYR A 117 -19.46 8.17 -15.78
N PRO A 118 -19.89 7.75 -17.00
CA PRO A 118 -21.32 7.54 -17.28
C PRO A 118 -21.97 6.43 -16.43
N ASP A 119 -21.23 5.34 -16.22
CA ASP A 119 -21.70 4.21 -15.41
C ASP A 119 -20.66 3.88 -14.34
N VAL A 120 -21.12 3.85 -13.10
CA VAL A 120 -20.30 3.41 -11.98
C VAL A 120 -21.02 2.19 -11.39
N ALA A 121 -20.49 1.01 -11.69
CA ALA A 121 -21.12 -0.27 -11.35
C ALA A 121 -21.31 -0.47 -9.85
N TRP A 122 -22.40 -1.16 -9.49
CA TRP A 122 -22.73 -1.45 -8.09
C TRP A 122 -21.63 -2.16 -7.31
N PRO A 123 -20.97 -3.20 -7.88
CA PRO A 123 -19.89 -3.84 -7.10
C PRO A 123 -18.76 -2.89 -6.68
N LEU A 124 -18.37 -1.97 -7.56
CA LEU A 124 -17.36 -0.96 -7.24
C LEU A 124 -17.82 -0.01 -6.14
N ARG A 125 -19.07 0.47 -6.24
CA ARG A 125 -19.65 1.38 -5.25
C ARG A 125 -19.64 0.76 -3.85
N PHE A 126 -20.09 -0.50 -3.75
CA PHE A 126 -20.13 -1.22 -2.49
C PHE A 126 -18.74 -1.53 -1.94
N ARG A 127 -17.80 -1.85 -2.83
CA ARG A 127 -16.41 -2.06 -2.46
C ARG A 127 -15.80 -0.79 -1.86
N ILE A 128 -16.06 0.35 -2.51
CA ILE A 128 -15.63 1.66 -2.01
C ILE A 128 -16.18 1.90 -0.60
N LEU A 129 -17.48 1.65 -0.42
CA LEU A 129 -18.15 1.80 0.87
C LEU A 129 -17.57 0.89 1.95
N HIS A 130 -17.30 -0.37 1.57
CA HIS A 130 -16.68 -1.35 2.46
C HIS A 130 -15.28 -0.89 2.91
N GLU A 131 -14.49 -0.38 1.97
CA GLU A 131 -13.12 0.04 2.25
C GLU A 131 -13.03 1.29 3.13
N ILE A 132 -13.96 2.23 2.93
CA ILE A 132 -14.08 3.41 3.80
C ILE A 132 -14.37 2.95 5.23
N ALA A 133 -15.32 2.02 5.36
CA ALA A 133 -15.67 1.45 6.66
C ALA A 133 -14.46 0.77 7.33
N LEU A 134 -13.75 -0.07 6.57
CA LEU A 134 -12.54 -0.75 7.07
C LEU A 134 -11.45 0.22 7.52
N GLY A 135 -11.30 1.32 6.78
CA GLY A 135 -10.33 2.36 7.09
C GLY A 135 -10.60 3.05 8.41
N VAL A 136 -11.82 3.56 8.56
CA VAL A 136 -12.25 4.27 9.77
C VAL A 136 -12.27 3.32 10.98
N ASN A 137 -12.69 2.08 10.75
CA ASN A 137 -12.68 1.05 11.79
C ASN A 137 -11.28 0.84 12.36
N TYR A 138 -10.27 0.79 11.49
CA TYR A 138 -8.89 0.70 11.92
C TYR A 138 -8.50 1.87 12.82
N LEU A 139 -8.83 3.10 12.40
CA LEU A 139 -8.54 4.32 13.16
C LEU A 139 -9.15 4.29 14.56
N HIS A 140 -10.40 3.83 14.63
CA HIS A 140 -11.16 3.74 15.88
C HIS A 140 -10.65 2.64 16.81
N ASN A 141 -9.92 1.66 16.25
CA ASN A 141 -9.35 0.53 17.01
C ASN A 141 -7.89 0.71 17.44
N MET A 142 -7.32 1.87 17.13
CA MET A 142 -6.00 2.25 17.62
C MET A 142 -6.07 2.55 19.11
N THR A 143 -4.92 2.58 19.77
CA THR A 143 -4.86 2.89 21.20
C THR A 143 -3.92 4.09 21.42
N PRO A 144 -4.45 5.27 21.75
CA PRO A 144 -5.89 5.53 21.89
C PRO A 144 -6.63 5.62 20.53
N PRO A 145 -7.98 5.54 20.52
CA PRO A 145 -8.68 5.65 19.23
C PRO A 145 -8.42 6.98 18.52
N LEU A 146 -8.28 6.91 17.19
CA LEU A 146 -8.18 8.12 16.39
C LEU A 146 -9.50 8.37 15.68
N LEU A 147 -10.08 9.54 15.96
CA LEU A 147 -11.32 9.96 15.32
C LEU A 147 -10.97 10.93 14.20
N HIS A 148 -11.54 10.68 13.02
CA HIS A 148 -11.19 11.44 11.81
C HIS A 148 -11.78 12.85 11.83
N HIS A 149 -13.09 12.94 12.09
CA HIS A 149 -13.85 14.20 12.19
C HIS A 149 -13.82 15.12 10.96
N ASN A 150 -13.49 14.57 9.80
CA ASN A 150 -13.53 15.33 8.56
C ASN A 150 -13.79 14.43 7.34
N LEU A 151 -14.62 13.41 7.51
CA LEU A 151 -14.97 12.52 6.42
C LEU A 151 -15.92 13.22 5.46
N LYS A 152 -15.49 13.27 4.20
CA LYS A 152 -16.24 13.86 3.10
C LYS A 152 -15.91 12.98 1.90
N THR A 153 -16.76 12.99 0.86
CA THR A 153 -16.41 12.32 -0.40
C THR A 153 -15.19 13.00 -1.06
N GLN A 154 -15.03 14.30 -0.75
CA GLN A 154 -13.90 15.10 -1.18
C GLN A 154 -12.57 14.65 -0.56
N ASN A 155 -12.64 13.90 0.54
CA ASN A 155 -11.45 13.46 1.30
C ASN A 155 -11.10 11.98 1.13
N ILE A 156 -11.94 11.25 0.41
CA ILE A 156 -11.67 9.84 0.13
C ILE A 156 -10.96 9.80 -1.22
N LEU A 157 -9.67 9.49 -1.20
CA LEU A 157 -8.87 9.38 -2.42
C LEU A 157 -8.94 7.98 -3.03
N LEU A 158 -8.76 7.91 -4.35
CA LEU A 158 -8.81 6.65 -5.09
C LEU A 158 -7.51 6.40 -5.86
N ASP A 159 -6.89 5.25 -5.62
CA ASP A 159 -5.64 4.90 -6.30
C ASP A 159 -5.87 4.45 -7.76
N ASN A 160 -4.82 3.93 -8.41
CA ASN A 160 -4.90 3.54 -9.82
C ASN A 160 -6.02 2.54 -10.15
N GLU A 161 -6.25 1.59 -9.24
CA GLU A 161 -7.33 0.61 -9.42
C GLU A 161 -8.57 0.86 -8.56
N PHE A 162 -8.83 2.13 -8.27
CA PHE A 162 -10.03 2.61 -7.58
C PHE A 162 -10.27 2.03 -6.17
N HIS A 163 -9.16 1.77 -5.48
CA HIS A 163 -9.21 1.40 -4.07
C HIS A 163 -9.11 2.64 -3.20
N VAL A 164 -9.75 2.58 -2.04
CA VAL A 164 -9.90 3.73 -1.14
C VAL A 164 -8.62 4.02 -0.36
N LYS A 165 -8.29 5.32 -0.28
CA LYS A 165 -7.32 5.85 0.67
C LYS A 165 -7.92 7.05 1.37
N ILE A 166 -8.15 6.92 2.68
CA ILE A 166 -8.67 8.02 3.49
C ILE A 166 -7.58 9.06 3.70
N ALA A 167 -7.93 10.32 3.45
CA ALA A 167 -7.00 11.44 3.57
C ALA A 167 -7.53 12.57 4.45
N ASP A 168 -6.70 13.60 4.61
CA ASP A 168 -7.00 14.84 5.34
C ASP A 168 -7.31 14.62 6.81
N PHE A 169 -6.24 14.47 7.58
CA PHE A 169 -6.31 14.27 9.03
C PHE A 169 -6.13 15.59 9.79
N GLY A 170 -6.42 16.71 9.12
CA GLY A 170 -6.24 18.06 9.68
C GLY A 170 -7.08 18.38 10.90
N LEU A 171 -8.28 17.79 10.97
CA LEU A 171 -9.20 17.96 12.11
C LEU A 171 -9.29 16.72 13.02
N SER A 172 -8.40 15.76 12.83
N SER A 172 -8.40 15.76 12.83
CA SER A 172 -8.42 14.49 13.58
CA SER A 172 -8.42 14.50 13.58
C SER A 172 -7.97 14.65 15.02
C SER A 172 -7.97 14.65 15.02
N LYS A 173 -8.55 13.82 15.90
CA LYS A 173 -8.31 13.84 17.35
C LYS A 173 -8.03 12.44 17.90
N TRP A 174 -7.18 12.37 18.93
CA TRP A 174 -7.05 11.18 19.76
C TRP A 174 -8.08 11.25 20.88
N ARG A 175 -8.86 10.17 21.07
CA ARG A 175 -9.86 10.08 22.14
C ARG A 175 -9.10 9.91 23.46
N MET A 176 -9.12 10.97 24.28
CA MET A 176 -8.11 11.17 25.33
C MET A 176 -8.48 10.75 26.76
N MET A 177 -9.68 10.17 26.94
CA MET A 177 -10.09 9.49 28.18
C MET A 177 -9.92 10.31 29.47
N GLY A 192 -15.37 25.32 5.07
CA GLY A 192 -15.70 23.90 4.97
C GLY A 192 -17.19 23.62 5.05
N THR A 193 -17.62 22.54 4.38
CA THR A 193 -19.03 22.14 4.39
C THR A 193 -19.46 21.43 5.68
N ILE A 194 -20.70 21.66 6.07
CA ILE A 194 -21.28 21.13 7.32
C ILE A 194 -22.24 19.96 7.09
N ILE A 195 -22.41 19.57 5.83
CA ILE A 195 -23.38 18.53 5.45
C ILE A 195 -23.05 17.12 5.97
N TYR A 196 -21.78 16.90 6.32
CA TYR A 196 -21.32 15.61 6.86
C TYR A 196 -21.24 15.61 8.40
N MET A 197 -21.63 16.71 9.01
CA MET A 197 -21.49 16.93 10.44
C MET A 197 -22.77 16.58 11.20
N PRO A 198 -22.67 15.79 12.30
CA PRO A 198 -23.86 15.48 13.09
C PRO A 198 -24.37 16.75 13.81
N PRO A 199 -25.71 16.85 13.98
CA PRO A 199 -26.31 18.06 14.54
C PRO A 199 -25.84 18.46 15.94
N GLU A 200 -25.43 17.49 16.76
CA GLU A 200 -24.95 17.76 18.13
C GLU A 200 -23.64 18.57 18.17
N ASN A 201 -22.95 18.64 17.03
CA ASN A 201 -21.73 19.43 16.87
C ASN A 201 -21.94 20.95 16.74
N TYR A 202 -23.20 21.37 16.57
CA TYR A 202 -23.49 22.79 16.36
C TYR A 202 -24.70 23.39 17.08
N GLU A 203 -25.53 22.56 17.72
CA GLU A 203 -26.67 23.04 18.51
C GLU A 203 -26.23 23.97 19.66
N PRO A 204 -26.98 25.08 19.90
CA PRO A 204 -26.53 26.04 20.92
C PRO A 204 -27.04 25.69 22.32
N SER A 211 -17.11 14.81 20.07
CA SER A 211 -18.18 13.92 19.64
C SER A 211 -17.62 12.56 19.20
N ILE A 212 -18.11 11.51 19.86
CA ILE A 212 -17.58 10.15 19.69
C ILE A 212 -18.18 9.48 18.44
N LYS A 213 -19.44 9.82 18.15
CA LYS A 213 -20.19 9.20 17.03
C LYS A 213 -20.29 10.11 15.79
N HIS A 214 -19.30 10.99 15.64
CA HIS A 214 -19.19 11.92 14.52
C HIS A 214 -18.96 11.19 13.18
N ASP A 215 -17.95 10.31 13.14
CA ASP A 215 -17.52 9.65 11.91
C ASP A 215 -18.59 8.77 11.26
N ILE A 216 -19.37 8.08 12.09
CA ILE A 216 -20.46 7.24 11.58
C ILE A 216 -21.58 8.05 10.91
N TYR A 217 -21.87 9.25 11.44
CA TYR A 217 -22.84 10.14 10.83
C TYR A 217 -22.38 10.53 9.41
N SER A 218 -21.13 10.97 9.30
CA SER A 218 -20.49 11.32 8.03
C SER A 218 -20.55 10.15 7.06
N TYR A 219 -20.23 8.96 7.56
CA TYR A 219 -20.28 7.72 6.77
C TYR A 219 -21.66 7.45 6.18
N ALA A 220 -22.72 7.72 6.96
CA ALA A 220 -24.10 7.55 6.49
C ALA A 220 -24.42 8.49 5.33
N VAL A 221 -23.99 9.74 5.44
CA VAL A 221 -24.16 10.75 4.39
C VAL A 221 -23.38 10.34 3.13
N ILE A 222 -22.14 9.88 3.32
CA ILE A 222 -21.29 9.37 2.24
C ILE A 222 -21.97 8.19 1.54
N THR A 223 -22.53 7.25 2.33
CA THR A 223 -23.25 6.10 1.80
C THR A 223 -24.42 6.53 0.91
N TRP A 224 -25.21 7.49 1.42
CA TRP A 224 -26.29 8.10 0.67
C TRP A 224 -25.76 8.70 -0.64
N GLU A 225 -24.66 9.46 -0.54
CA GLU A 225 -24.03 10.11 -1.69
C GLU A 225 -23.52 9.14 -2.75
N VAL A 226 -22.92 8.04 -2.30
CA VAL A 226 -22.40 6.98 -3.18
C VAL A 226 -23.53 6.28 -3.95
N LEU A 227 -24.62 5.99 -3.26
CA LEU A 227 -25.73 5.25 -3.86
C LEU A 227 -26.63 6.09 -4.78
N SER A 228 -26.63 7.41 -4.56
CA SER A 228 -27.49 8.33 -5.30
C SER A 228 -26.79 9.06 -6.45
N ARG A 229 -25.49 9.31 -6.27
CA ARG A 229 -24.71 10.24 -7.11
C ARG A 229 -25.31 11.66 -7.11
N LYS A 230 -25.77 12.10 -5.94
CA LYS A 230 -26.38 13.42 -5.74
C LYS A 230 -25.70 14.21 -4.61
N GLN A 231 -25.68 15.54 -4.74
CA GLN A 231 -25.19 16.43 -3.67
C GLN A 231 -26.23 16.41 -2.54
N PRO A 232 -25.82 16.04 -1.32
CA PRO A 232 -26.75 16.13 -0.18
C PRO A 232 -27.18 17.57 0.05
N PHE A 233 -28.50 17.77 0.19
CA PHE A 233 -29.14 19.10 0.32
C PHE A 233 -28.82 20.02 -0.87
N GLU A 234 -28.89 19.44 -2.07
CA GLU A 234 -28.66 20.14 -3.34
C GLU A 234 -29.56 21.37 -3.47
N ASP A 235 -30.83 21.18 -3.12
CA ASP A 235 -31.88 22.19 -3.27
C ASP A 235 -31.87 23.29 -2.21
N VAL A 236 -31.11 23.08 -1.13
CA VAL A 236 -30.99 24.08 -0.06
C VAL A 236 -29.69 24.87 -0.28
N THR A 237 -29.85 26.19 -0.46
CA THR A 237 -28.75 27.07 -0.83
C THR A 237 -27.99 27.67 0.36
N ASN A 238 -28.73 28.08 1.39
CA ASN A 238 -28.14 28.66 2.60
C ASN A 238 -27.70 27.55 3.57
N PRO A 239 -26.41 27.51 3.95
CA PRO A 239 -25.90 26.45 4.83
C PRO A 239 -26.48 26.47 6.24
N LEU A 240 -26.88 27.65 6.71
CA LEU A 240 -27.56 27.82 8.00
C LEU A 240 -28.94 27.15 7.97
N GLN A 241 -29.59 27.17 6.80
CA GLN A 241 -30.86 26.48 6.61
C GLN A 241 -30.69 24.97 6.71
N ILE A 242 -29.60 24.45 6.13
CA ILE A 242 -29.24 23.03 6.27
C ILE A 242 -29.07 22.69 7.75
N MET A 243 -28.31 23.52 8.47
CA MET A 243 -28.07 23.32 9.90
C MET A 243 -29.34 23.28 10.75
N TYR A 244 -30.23 24.25 10.57
CA TYR A 244 -31.52 24.24 11.26
C TYR A 244 -32.33 22.98 10.93
N SER A 245 -32.42 22.66 9.63
CA SER A 245 -33.14 21.48 9.14
C SER A 245 -32.63 20.18 9.76
N VAL A 246 -31.30 20.01 9.76
CA VAL A 246 -30.66 18.82 10.31
C VAL A 246 -30.91 18.68 11.82
N SER A 247 -30.83 19.80 12.54
CA SER A 247 -31.08 19.83 13.98
C SER A 247 -32.51 19.48 14.36
N GLN A 248 -33.44 19.68 13.41
CA GLN A 248 -34.86 19.34 13.57
C GLN A 248 -35.19 17.93 13.06
N GLY A 249 -34.17 17.24 12.54
CA GLY A 249 -34.31 15.85 12.10
C GLY A 249 -34.37 15.60 10.61
N HIS A 250 -34.32 16.66 9.80
CA HIS A 250 -34.30 16.52 8.33
C HIS A 250 -32.96 15.95 7.87
N ARG A 251 -33.05 15.08 6.87
CA ARG A 251 -31.90 14.38 6.33
C ARG A 251 -31.97 14.44 4.79
N PRO A 252 -30.87 14.07 4.09
CA PRO A 252 -30.99 13.96 2.62
C PRO A 252 -32.14 13.04 2.21
N VAL A 253 -32.80 13.42 1.13
CA VAL A 253 -34.08 12.83 0.71
C VAL A 253 -33.95 11.36 0.29
N ILE A 254 -34.80 10.50 0.86
CA ILE A 254 -34.91 9.10 0.46
C ILE A 254 -36.27 8.85 -0.19
N ASN A 255 -36.24 8.68 -1.51
CA ASN A 255 -37.38 8.23 -2.30
C ASN A 255 -36.87 7.49 -3.55
N GLU A 256 -37.75 7.22 -4.51
CA GLU A 256 -37.37 6.52 -5.74
C GLU A 256 -36.46 7.34 -6.65
N GLU A 257 -36.63 8.65 -6.63
CA GLU A 257 -35.86 9.56 -7.48
C GLU A 257 -34.39 9.65 -7.05
N SER A 258 -34.17 9.76 -5.73
CA SER A 258 -32.82 9.88 -5.17
C SER A 258 -32.12 8.53 -5.06
N LEU A 259 -32.79 7.56 -4.45
CA LEU A 259 -32.28 6.20 -4.35
C LEU A 259 -33.15 5.24 -5.17
N PRO A 260 -32.72 4.93 -6.42
CA PRO A 260 -33.51 4.11 -7.36
C PRO A 260 -33.78 2.70 -6.84
N TYR A 261 -34.87 2.09 -7.33
CA TYR A 261 -35.30 0.77 -6.87
C TYR A 261 -34.31 -0.37 -7.17
N ASP A 262 -33.45 -0.17 -8.17
CA ASP A 262 -32.51 -1.20 -8.60
C ASP A 262 -31.18 -1.27 -7.81
N ILE A 263 -31.08 -0.51 -6.71
CA ILE A 263 -29.95 -0.63 -5.78
C ILE A 263 -30.03 -2.02 -5.11
N PRO A 264 -28.94 -2.83 -5.22
CA PRO A 264 -28.91 -4.11 -4.49
C PRO A 264 -29.09 -3.89 -2.99
N HIS A 265 -29.94 -4.71 -2.37
CA HIS A 265 -30.25 -4.66 -0.93
C HIS A 265 -30.73 -3.28 -0.45
N ARG A 266 -31.54 -2.62 -1.28
CA ARG A 266 -32.03 -1.26 -1.04
C ARG A 266 -32.65 -1.10 0.36
N ALA A 267 -33.46 -2.07 0.77
CA ALA A 267 -34.11 -2.04 2.09
C ALA A 267 -33.11 -2.02 3.26
N ARG A 268 -32.11 -2.90 3.22
CA ARG A 268 -31.07 -2.97 4.25
C ARG A 268 -30.26 -1.68 4.31
N MET A 269 -29.91 -1.19 3.12
CA MET A 269 -29.04 -0.02 2.98
C MET A 269 -29.70 1.25 3.53
N ILE A 270 -30.97 1.47 3.16
CA ILE A 270 -31.78 2.57 3.70
C ILE A 270 -31.87 2.46 5.22
N SER A 271 -32.17 1.26 5.71
CA SER A 271 -32.25 0.96 7.15
C SER A 271 -30.94 1.32 7.86
N LEU A 272 -29.83 0.88 7.26
CA LEU A 272 -28.49 1.14 7.78
C LEU A 272 -28.14 2.63 7.76
N ILE A 273 -28.35 3.29 6.61
CA ILE A 273 -28.12 4.73 6.44
C ILE A 273 -28.83 5.51 7.55
N GLU A 274 -30.13 5.23 7.73
CA GLU A 274 -30.97 5.96 8.66
C GLU A 274 -30.60 5.74 10.13
N SER A 275 -30.07 4.56 10.44
CA SER A 275 -29.49 4.31 11.76
C SER A 275 -28.15 5.03 11.91
N GLY A 276 -27.38 5.07 10.81
CA GLY A 276 -26.08 5.72 10.78
C GLY A 276 -26.14 7.22 11.03
N TRP A 277 -27.19 7.88 10.52
CA TRP A 277 -27.37 9.33 10.72
C TRP A 277 -28.49 9.70 11.71
N ALA A 278 -28.77 8.80 12.66
CA ALA A 278 -29.81 8.99 13.67
C ALA A 278 -29.62 10.25 14.51
N GLN A 279 -30.73 10.90 14.85
CA GLN A 279 -30.72 12.12 15.65
C GLN A 279 -30.03 11.89 17.00
N ASN A 280 -30.42 10.81 17.69
CA ASN A 280 -29.76 10.38 18.91
C ASN A 280 -28.48 9.61 18.55
N PRO A 281 -27.31 10.07 19.05
CA PRO A 281 -26.02 9.37 18.80
C PRO A 281 -25.97 7.92 19.27
N ASP A 282 -26.72 7.59 20.34
CA ASP A 282 -26.76 6.23 20.88
C ASP A 282 -27.39 5.21 19.93
N GLU A 283 -28.17 5.69 18.97
CA GLU A 283 -28.82 4.85 17.96
C GLU A 283 -27.90 4.51 16.78
N ARG A 284 -26.75 5.19 16.72
CA ARG A 284 -25.78 5.04 15.63
C ARG A 284 -24.76 3.95 15.96
N PRO A 285 -24.42 3.10 14.99
CA PRO A 285 -23.49 2.00 15.29
C PRO A 285 -22.02 2.43 15.41
N SER A 286 -21.22 1.59 16.06
CA SER A 286 -19.77 1.63 15.91
C SER A 286 -19.42 1.08 14.51
N PHE A 287 -18.23 1.40 14.01
CA PHE A 287 -17.81 0.91 12.69
C PHE A 287 -17.64 -0.61 12.64
N LEU A 288 -17.27 -1.22 13.77
CA LEU A 288 -17.27 -2.67 13.93
C LEU A 288 -18.67 -3.24 13.68
N LYS A 289 -19.66 -2.67 14.37
CA LYS A 289 -21.07 -3.04 14.24
C LYS A 289 -21.56 -2.81 12.82
N CYS A 290 -21.14 -1.71 12.22
CA CYS A 290 -21.46 -1.36 10.84
C CYS A 290 -20.90 -2.38 9.84
N LEU A 291 -19.65 -2.80 10.06
CA LEU A 291 -19.04 -3.84 9.23
C LEU A 291 -19.73 -5.19 9.36
N ILE A 292 -20.10 -5.56 10.60
CA ILE A 292 -20.90 -6.76 10.88
C ILE A 292 -22.19 -6.71 10.04
N GLU A 293 -22.89 -5.57 10.11
CA GLU A 293 -24.16 -5.36 9.41
C GLU A 293 -24.02 -5.37 7.88
N LEU A 294 -22.91 -4.85 7.38
CA LEU A 294 -22.66 -4.77 5.93
C LEU A 294 -22.33 -6.10 5.26
N GLU A 295 -21.74 -7.02 6.02
CA GLU A 295 -21.22 -8.28 5.44
C GLU A 295 -22.27 -9.23 4.80
N PRO A 296 -23.53 -9.27 5.32
CA PRO A 296 -24.63 -9.88 4.55
C PRO A 296 -24.82 -9.33 3.13
N VAL A 297 -24.68 -8.02 2.98
CA VAL A 297 -24.85 -7.32 1.70
C VAL A 297 -23.68 -7.60 0.75
N LEU A 298 -22.46 -7.55 1.28
CA LEU A 298 -21.25 -7.69 0.47
C LEU A 298 -20.95 -9.13 0.05
N ARG A 299 -21.56 -10.08 0.76
CA ARG A 299 -21.42 -11.52 0.48
C ARG A 299 -21.93 -11.92 -0.90
N THR A 300 -22.85 -11.11 -1.46
CA THR A 300 -23.51 -11.41 -2.74
C THR A 300 -22.80 -10.79 -3.96
N PHE A 301 -21.56 -10.33 -3.79
CA PHE A 301 -20.82 -9.64 -4.85
C PHE A 301 -19.55 -10.36 -5.34
N GLU A 302 -19.06 -9.93 -6.50
CA GLU A 302 -17.79 -10.38 -7.08
C GLU A 302 -16.95 -9.18 -7.52
N ALA B 9 12.50 13.17 15.10
CA ALA B 9 11.34 13.74 15.84
C ALA B 9 10.12 12.79 15.81
N ILE B 10 9.68 12.40 14.61
CA ILE B 10 8.42 11.65 14.41
C ILE B 10 8.67 10.15 14.21
N CYS B 11 8.15 9.34 15.12
CA CYS B 11 8.26 7.88 14.99
C CYS B 11 7.01 7.08 15.43
N SER B 12 6.94 5.83 15.00
CA SER B 12 5.76 4.99 15.18
C SER B 12 6.15 3.58 15.56
N ALA B 13 5.59 3.08 16.66
CA ALA B 13 5.77 1.70 17.08
C ALA B 13 4.94 0.76 16.21
N LEU B 14 5.53 -0.39 15.90
CA LEU B 14 4.81 -1.47 15.22
C LEU B 14 3.76 -2.04 16.18
N PRO B 15 2.49 -2.16 15.71
CA PRO B 15 1.42 -2.67 16.57
C PRO B 15 1.66 -4.10 17.05
N THR B 16 1.32 -4.38 18.30
CA THR B 16 1.39 -5.74 18.86
C THR B 16 0.00 -6.36 18.82
N ILE B 17 -0.10 -7.52 18.19
CA ILE B 17 -1.37 -8.22 18.00
C ILE B 17 -1.51 -9.38 18.98
N PRO B 18 -2.51 -9.31 19.90
CA PRO B 18 -2.82 -10.44 20.77
C PRO B 18 -3.21 -11.67 19.94
N TYR B 19 -2.75 -12.84 20.38
CA TYR B 19 -2.98 -14.11 19.67
C TYR B 19 -4.46 -14.38 19.35
N HIS B 20 -5.35 -14.08 20.29
CA HIS B 20 -6.79 -14.32 20.14
C HIS B 20 -7.48 -13.46 19.06
N LYS B 21 -6.78 -12.42 18.60
CA LYS B 21 -7.28 -11.58 17.50
C LYS B 21 -7.12 -12.25 16.12
N LEU B 22 -6.30 -13.30 16.05
CA LEU B 22 -6.09 -14.05 14.80
C LEU B 22 -6.93 -15.33 14.77
N ALA B 23 -7.89 -15.37 13.84
CA ALA B 23 -8.81 -16.51 13.68
C ALA B 23 -8.69 -17.15 12.30
N ASP B 24 -9.21 -18.38 12.18
CA ASP B 24 -9.25 -19.14 10.90
CA ASP B 24 -9.24 -19.17 10.92
C ASP B 24 -7.87 -19.33 10.24
N LEU B 25 -6.88 -19.78 11.01
CA LEU B 25 -5.54 -20.04 10.48
C LEU B 25 -5.53 -21.21 9.49
N ARG B 26 -5.02 -20.93 8.29
CA ARG B 26 -4.88 -21.92 7.22
C ARG B 26 -3.50 -21.82 6.63
N TYR B 27 -2.90 -22.97 6.34
CA TYR B 27 -1.55 -23.03 5.79
C TYR B 27 -1.48 -22.58 4.33
N LEU B 28 -0.55 -21.67 4.05
CA LEU B 28 -0.27 -21.21 2.68
C LEU B 28 1.06 -21.76 2.15
N SER B 29 2.04 -21.90 3.04
CA SER B 29 3.36 -22.48 2.74
C SER B 29 4.03 -22.94 4.04
N ARG B 30 4.74 -24.06 3.97
CA ARG B 30 5.49 -24.56 5.11
C ARG B 30 6.92 -24.90 4.69
N GLY B 31 7.89 -24.36 5.42
CA GLY B 31 9.31 -24.54 5.11
C GLY B 31 10.13 -25.00 6.31
N ALA B 32 11.44 -24.74 6.24
CA ALA B 32 12.39 -25.12 7.30
C ALA B 32 12.21 -24.27 8.58
N SER B 33 12.42 -22.96 8.47
CA SER B 33 12.21 -22.02 9.59
C SER B 33 10.90 -21.23 9.44
N GLY B 34 10.55 -20.91 8.18
CA GLY B 34 9.37 -20.09 7.85
C GLY B 34 8.14 -20.85 7.37
N THR B 35 7.05 -20.68 8.12
CA THR B 35 5.71 -21.17 7.76
C THR B 35 4.80 -19.95 7.61
N VAL B 36 3.98 -19.93 6.55
CA VAL B 36 3.05 -18.83 6.28
C VAL B 36 1.61 -19.33 6.33
N SER B 37 0.79 -18.67 7.15
CA SER B 37 -0.65 -18.95 7.28
C SER B 37 -1.47 -17.71 6.94
N SER B 38 -2.66 -17.92 6.37
CA SER B 38 -3.66 -16.86 6.23
C SER B 38 -4.58 -16.85 7.44
N ALA B 39 -5.11 -15.67 7.76
CA ALA B 39 -5.96 -15.50 8.95
C ALA B 39 -6.96 -14.36 8.80
N ARG B 40 -7.98 -14.39 9.65
CA ARG B 40 -8.90 -13.27 9.86
C ARG B 40 -8.41 -12.49 11.07
N HIS B 41 -8.35 -11.17 10.95
CA HIS B 41 -8.13 -10.32 12.12
C HIS B 41 -9.49 -9.89 12.67
N ALA B 42 -9.77 -10.28 13.91
CA ALA B 42 -11.09 -10.09 14.55
C ALA B 42 -11.55 -8.64 14.68
N ASP B 43 -10.60 -7.74 14.94
CA ASP B 43 -10.88 -6.31 15.05
C ASP B 43 -10.99 -5.62 13.69
N TRP B 44 -9.96 -5.80 12.86
CA TRP B 44 -9.83 -5.09 11.58
C TRP B 44 -10.78 -5.59 10.48
N ARG B 45 -11.29 -6.81 10.65
CA ARG B 45 -12.23 -7.48 9.71
C ARG B 45 -11.64 -7.73 8.31
N VAL B 46 -10.32 -7.86 8.25
CA VAL B 46 -9.62 -8.15 6.98
C VAL B 46 -8.87 -9.46 7.07
N GLN B 47 -8.63 -10.06 5.91
CA GLN B 47 -7.76 -11.21 5.81
C GLN B 47 -6.31 -10.76 5.86
N VAL B 48 -5.53 -11.45 6.68
CA VAL B 48 -4.10 -11.15 6.86
C VAL B 48 -3.27 -12.38 6.53
N ALA B 49 -1.97 -12.17 6.36
CA ALA B 49 -1.01 -13.27 6.31
C ALA B 49 -0.14 -13.22 7.55
N VAL B 50 0.21 -14.41 8.06
CA VAL B 50 1.03 -14.57 9.26
C VAL B 50 2.23 -15.42 8.89
N LYS B 51 3.43 -14.83 8.93
CA LYS B 51 4.67 -15.58 8.78
C LYS B 51 5.16 -15.93 10.18
N HIS B 52 5.08 -17.21 10.52
CA HIS B 52 5.34 -17.69 11.88
C HIS B 52 6.26 -18.90 11.93
N LEU B 53 6.90 -19.08 13.10
CA LEU B 53 7.64 -20.30 13.41
C LEU B 53 6.65 -21.46 13.64
N HIS B 54 7.12 -22.69 13.40
CA HIS B 54 6.32 -23.91 13.59
C HIS B 54 5.68 -23.93 14.99
N ILE B 55 4.36 -24.10 15.04
CA ILE B 55 3.60 -24.03 16.30
C ILE B 55 3.84 -25.26 17.20
N HIS B 56 4.29 -26.37 16.58
CA HIS B 56 4.56 -27.65 17.28
C HIS B 56 5.90 -27.71 18.02
N THR B 57 7.00 -27.41 17.32
CA THR B 57 8.36 -27.44 17.91
C THR B 57 8.60 -26.26 18.87
N PRO B 58 9.46 -26.43 19.91
CA PRO B 58 9.77 -25.34 20.85
C PRO B 58 10.47 -24.14 20.18
N LEU B 59 10.11 -22.94 20.64
CA LEU B 59 10.57 -21.69 20.06
C LEU B 59 11.88 -21.22 20.70
N LEU B 60 12.99 -21.47 20.01
CA LEU B 60 14.34 -21.13 20.48
C LEU B 60 14.60 -19.62 20.45
N ASP B 61 15.42 -19.14 21.39
CA ASP B 61 15.70 -17.70 21.56
C ASP B 61 16.46 -17.02 20.41
N SER B 62 17.26 -17.80 19.69
CA SER B 62 17.97 -17.32 18.49
C SER B 62 17.02 -17.18 17.30
N GLU B 63 16.03 -18.07 17.22
CA GLU B 63 14.95 -18.00 16.21
C GLU B 63 14.00 -16.83 16.48
N ARG B 64 13.88 -16.46 17.75
CA ARG B 64 13.02 -15.37 18.23
C ARG B 64 13.58 -13.99 17.84
N LYS B 65 14.88 -13.80 18.02
CA LYS B 65 15.56 -12.55 17.68
C LYS B 65 15.65 -12.33 16.16
N ASP B 66 15.67 -13.44 15.41
CA ASP B 66 15.63 -13.44 13.94
C ASP B 66 14.32 -12.87 13.38
N VAL B 67 13.21 -13.27 13.98
CA VAL B 67 11.86 -12.83 13.55
C VAL B 67 11.63 -11.36 13.91
N LEU B 68 12.03 -10.96 15.13
CA LEU B 68 11.95 -9.57 15.57
C LEU B 68 12.82 -8.61 14.71
N ARG B 69 13.92 -9.14 14.19
CA ARG B 69 14.83 -8.41 13.31
C ARG B 69 14.19 -8.18 11.93
N GLU B 70 13.60 -9.25 11.38
CA GLU B 70 12.90 -9.22 10.10
C GLU B 70 11.69 -8.28 10.13
N ALA B 71 10.99 -8.28 11.27
CA ALA B 71 9.84 -7.40 11.50
C ALA B 71 10.24 -5.93 11.57
N GLU B 72 11.38 -5.67 12.21
CA GLU B 72 11.93 -4.32 12.32
C GLU B 72 12.37 -3.77 10.97
N ILE B 73 12.93 -4.64 10.14
CA ILE B 73 13.32 -4.30 8.77
C ILE B 73 12.09 -3.92 7.96
N LEU B 74 11.08 -4.80 7.92
CA LEU B 74 9.83 -4.54 7.18
C LEU B 74 9.15 -3.24 7.59
N HIS B 75 9.16 -2.95 8.90
CA HIS B 75 8.51 -1.77 9.46
C HIS B 75 9.26 -0.49 9.09
N LYS B 76 10.59 -0.55 9.10
CA LYS B 76 11.43 0.58 8.69
C LYS B 76 11.41 0.79 7.18
N ALA B 77 11.28 -0.29 6.42
CA ALA B 77 11.45 -0.26 4.97
C ALA B 77 10.14 -0.18 4.16
N ARG B 78 9.07 0.24 4.80
CA ARG B 78 7.76 0.33 4.16
C ARG B 78 7.72 1.38 3.04
N PHE B 79 7.15 0.98 1.92
CA PHE B 79 7.12 1.73 0.66
C PHE B 79 6.18 0.99 -0.29
N SER B 80 5.66 1.70 -1.30
CA SER B 80 4.66 1.22 -2.25
C SER B 80 4.85 -0.18 -2.83
N TYR B 81 6.11 -0.64 -2.94
CA TYR B 81 6.42 -1.91 -3.59
C TYR B 81 7.12 -2.92 -2.65
N ILE B 82 7.06 -2.61 -1.36
CA ILE B 82 7.53 -3.50 -0.29
C ILE B 82 6.30 -4.02 0.44
N LEU B 83 6.31 -5.32 0.76
CA LEU B 83 5.24 -5.98 1.53
C LEU B 83 4.96 -5.20 2.82
N PRO B 84 3.71 -4.72 3.01
CA PRO B 84 3.37 -3.96 4.23
C PRO B 84 3.19 -4.87 5.45
N ILE B 85 3.94 -4.60 6.51
CA ILE B 85 3.76 -5.27 7.80
C ILE B 85 2.68 -4.54 8.63
N LEU B 86 1.70 -5.30 9.11
CA LEU B 86 0.59 -4.73 9.89
C LEU B 86 0.86 -4.76 11.39
N GLY B 87 1.57 -5.79 11.86
CA GLY B 87 1.96 -5.90 13.26
C GLY B 87 2.75 -7.16 13.59
N ILE B 88 3.09 -7.29 14.88
CA ILE B 88 3.81 -8.46 15.40
C ILE B 88 2.95 -9.20 16.44
N CYS B 89 2.96 -10.52 16.36
CA CYS B 89 2.33 -11.36 17.39
C CYS B 89 3.41 -12.07 18.21
N ASN B 90 3.60 -11.58 19.44
CA ASN B 90 4.72 -12.01 20.28
C ASN B 90 4.24 -12.61 21.61
N GLU B 91 4.06 -13.92 21.60
CA GLU B 91 3.53 -14.67 22.75
C GLU B 91 4.54 -15.71 23.25
N PRO B 92 4.38 -16.20 24.50
CA PRO B 92 5.11 -17.39 24.97
C PRO B 92 5.02 -18.61 24.02
N GLU B 93 3.80 -18.92 23.55
CA GLU B 93 3.56 -20.07 22.65
C GLU B 93 3.87 -19.76 21.17
N PHE B 94 3.65 -18.52 20.76
CA PHE B 94 3.52 -18.16 19.34
C PHE B 94 4.34 -16.93 18.98
N LEU B 95 4.99 -16.98 17.82
CA LEU B 95 5.69 -15.82 17.26
C LEU B 95 5.45 -15.71 15.77
N GLY B 96 4.89 -14.57 15.36
CA GLY B 96 4.50 -14.35 13.97
C GLY B 96 4.49 -12.91 13.52
N ILE B 97 4.93 -12.71 12.28
CA ILE B 97 4.85 -11.41 11.61
C ILE B 97 3.51 -11.38 10.86
N VAL B 98 2.69 -10.38 11.16
CA VAL B 98 1.40 -10.22 10.48
C VAL B 98 1.55 -9.17 9.36
N THR B 99 1.32 -9.61 8.13
CA THR B 99 1.41 -8.75 6.95
C THR B 99 0.10 -8.74 6.18
N GLU B 100 0.00 -7.84 5.20
CA GLU B 100 -1.09 -7.81 4.23
C GLU B 100 -1.15 -9.12 3.46
N TYR B 101 -2.37 -9.54 3.13
CA TYR B 101 -2.57 -10.76 2.36
C TYR B 101 -2.52 -10.47 0.86
N MET B 102 -1.78 -11.30 0.13
CA MET B 102 -1.60 -11.16 -1.32
C MET B 102 -2.36 -12.25 -2.06
N PRO B 103 -3.52 -11.90 -2.66
CA PRO B 103 -4.43 -12.91 -3.24
C PRO B 103 -3.82 -13.67 -4.42
N ASN B 104 -2.91 -13.04 -5.15
CA ASN B 104 -2.34 -13.62 -6.36
C ASN B 104 -1.00 -14.36 -6.18
N GLY B 105 -0.55 -14.48 -4.93
CA GLY B 105 0.66 -15.24 -4.59
C GLY B 105 1.96 -14.65 -5.14
N SER B 106 2.92 -15.52 -5.42
CA SER B 106 4.25 -15.13 -5.90
C SER B 106 4.35 -15.05 -7.43
N LEU B 107 5.35 -14.32 -7.92
CA LEU B 107 5.53 -14.04 -9.34
C LEU B 107 5.81 -15.28 -10.18
N ASN B 108 6.49 -16.27 -9.60
CA ASN B 108 6.80 -17.51 -10.31
C ASN B 108 5.54 -18.28 -10.71
N GLU B 109 4.50 -18.18 -9.88
CA GLU B 109 3.19 -18.77 -10.17
C GLU B 109 2.60 -18.18 -11.45
N LEU B 110 2.70 -16.86 -11.61
CA LEU B 110 2.24 -16.17 -12.82
C LEU B 110 3.05 -16.57 -14.07
N LEU B 111 4.37 -16.69 -13.91
CA LEU B 111 5.25 -16.97 -15.03
C LEU B 111 5.23 -18.43 -15.47
N HIS B 112 5.09 -19.36 -14.52
CA HIS B 112 5.28 -20.78 -14.78
C HIS B 112 4.04 -21.68 -14.76
N ARG B 113 2.91 -21.17 -14.29
CA ARG B 113 1.64 -21.90 -14.39
C ARG B 113 0.93 -21.48 -15.68
N LYS B 114 1.36 -22.11 -16.78
CA LYS B 114 0.97 -21.71 -18.13
C LYS B 114 -0.45 -22.14 -18.54
N THR B 115 -1.04 -23.09 -17.82
CA THR B 115 -2.44 -23.46 -18.01
C THR B 115 -3.33 -22.38 -17.39
N GLU B 116 -3.02 -21.99 -16.16
CA GLU B 116 -3.76 -20.94 -15.44
C GLU B 116 -3.60 -19.56 -16.08
N TYR B 117 -2.42 -19.27 -16.61
CA TYR B 117 -2.15 -18.00 -17.29
C TYR B 117 -1.58 -18.24 -18.70
N PRO B 118 -2.47 -18.48 -19.69
CA PRO B 118 -2.04 -18.77 -21.07
C PRO B 118 -1.27 -17.62 -21.73
N ASP B 119 -1.74 -16.38 -21.52
CA ASP B 119 -1.10 -15.18 -22.04
CA ASP B 119 -1.05 -15.21 -22.02
C ASP B 119 -0.83 -14.19 -20.91
N VAL B 120 0.41 -13.74 -20.81
CA VAL B 120 0.80 -12.69 -19.87
C VAL B 120 1.34 -11.54 -20.73
N ALA B 121 0.52 -10.51 -20.88
CA ALA B 121 0.78 -9.38 -21.77
C ALA B 121 2.09 -8.64 -21.45
N TRP B 122 2.75 -8.14 -22.49
CA TRP B 122 4.01 -7.39 -22.35
C TRP B 122 3.93 -6.18 -21.42
N PRO B 123 2.86 -5.34 -21.51
CA PRO B 123 2.78 -4.21 -20.58
C PRO B 123 2.81 -4.60 -19.10
N LEU B 124 2.12 -5.68 -18.73
CA LEU B 124 2.13 -6.19 -17.37
C LEU B 124 3.52 -6.67 -16.94
N ARG B 125 4.18 -7.43 -17.82
CA ARG B 125 5.53 -7.96 -17.57
C ARG B 125 6.52 -6.82 -17.27
N PHE B 126 6.51 -5.79 -18.11
CA PHE B 126 7.39 -4.64 -17.96
C PHE B 126 7.06 -3.81 -16.72
N ARG B 127 5.77 -3.68 -16.42
CA ARG B 127 5.32 -3.00 -15.21
C ARG B 127 5.82 -3.72 -13.95
N ILE B 128 5.71 -5.06 -13.95
CA ILE B 128 6.24 -5.89 -12.87
C ILE B 128 7.74 -5.63 -12.69
N LEU B 129 8.48 -5.65 -13.80
CA LEU B 129 9.92 -5.41 -13.80
C LEU B 129 10.28 -4.01 -13.28
N HIS B 130 9.52 -3.01 -13.72
CA HIS B 130 9.69 -1.63 -13.25
C HIS B 130 9.48 -1.51 -11.74
N GLU B 131 8.43 -2.16 -11.23
CA GLU B 131 8.07 -2.08 -9.82
C GLU B 131 9.07 -2.80 -8.91
N ILE B 132 9.62 -3.93 -9.37
CA ILE B 132 10.70 -4.63 -8.65
C ILE B 132 11.90 -3.70 -8.53
N ALA B 133 12.25 -3.07 -9.64
CA ALA B 133 13.36 -2.10 -9.67
C ALA B 133 13.14 -0.95 -8.70
N LEU B 134 11.94 -0.35 -8.73
CA LEU B 134 11.56 0.75 -7.82
C LEU B 134 11.63 0.34 -6.35
N GLY B 135 11.23 -0.90 -6.06
CA GLY B 135 11.25 -1.43 -4.70
C GLY B 135 12.65 -1.56 -4.14
N VAL B 136 13.52 -2.24 -4.90
CA VAL B 136 14.91 -2.47 -4.49
C VAL B 136 15.67 -1.15 -4.43
N ASN B 137 15.39 -0.25 -5.38
CA ASN B 137 16.00 1.09 -5.38
C ASN B 137 15.70 1.84 -4.09
N TYR B 138 14.46 1.77 -3.62
CA TYR B 138 14.09 2.36 -2.34
C TYR B 138 14.94 1.81 -1.19
N LEU B 139 15.06 0.48 -1.13
CA LEU B 139 15.85 -0.20 -0.08
C LEU B 139 17.31 0.24 -0.08
N HIS B 140 17.88 0.37 -1.27
CA HIS B 140 19.26 0.79 -1.46
C HIS B 140 19.51 2.27 -1.14
N ASN B 141 18.44 3.06 -1.15
CA ASN B 141 18.49 4.51 -0.85
C ASN B 141 18.17 4.88 0.59
N MET B 142 17.91 3.88 1.43
CA MET B 142 17.75 4.07 2.87
C MET B 142 19.10 4.41 3.50
N THR B 143 19.08 4.93 4.71
CA THR B 143 20.32 5.26 5.43
C THR B 143 20.32 4.53 6.78
N PRO B 144 21.16 3.50 6.95
CA PRO B 144 22.05 2.97 5.91
C PRO B 144 21.32 2.16 4.82
N PRO B 145 21.96 1.89 3.66
CA PRO B 145 21.29 1.10 2.63
C PRO B 145 20.90 -0.30 3.11
N LEU B 146 19.71 -0.76 2.71
CA LEU B 146 19.30 -2.13 2.97
C LEU B 146 19.45 -2.97 1.71
N LEU B 147 20.26 -4.01 1.80
CA LEU B 147 20.46 -4.94 0.71
C LEU B 147 19.60 -6.19 0.96
N HIS B 148 18.85 -6.59 -0.06
CA HIS B 148 17.88 -7.67 0.08
C HIS B 148 18.54 -9.04 0.17
N HIS B 149 19.44 -9.33 -0.79
CA HIS B 149 20.22 -10.58 -0.86
C HIS B 149 19.42 -11.89 -0.95
N ASN B 150 18.15 -11.80 -1.35
CA ASN B 150 17.34 -12.98 -1.55
C ASN B 150 16.23 -12.77 -2.58
N LEU B 151 16.54 -12.00 -3.62
CA LEU B 151 15.58 -11.76 -4.69
C LEU B 151 15.44 -12.99 -5.56
N LYS B 152 14.21 -13.46 -5.66
CA LYS B 152 13.81 -14.61 -6.46
C LYS B 152 12.44 -14.25 -7.01
N THR B 153 12.01 -14.90 -8.10
CA THR B 153 10.61 -14.75 -8.55
C THR B 153 9.64 -15.33 -7.52
N GLN B 154 10.14 -16.30 -6.75
CA GLN B 154 9.41 -16.90 -5.64
C GLN B 154 9.14 -15.94 -4.49
N ASN B 155 9.90 -14.84 -4.43
CA ASN B 155 9.81 -13.85 -3.33
C ASN B 155 9.12 -12.54 -3.70
N ILE B 156 8.77 -12.39 -4.97
CA ILE B 156 8.04 -11.21 -5.44
C ILE B 156 6.56 -11.56 -5.38
N LEU B 157 5.85 -10.96 -4.43
CA LEU B 157 4.41 -11.18 -4.28
C LEU B 157 3.60 -10.22 -5.14
N LEU B 158 2.39 -10.67 -5.52
CA LEU B 158 1.49 -9.88 -6.36
C LEU B 158 0.14 -9.67 -5.68
N ASP B 159 -0.27 -8.41 -5.54
CA ASP B 159 -1.55 -8.07 -4.90
C ASP B 159 -2.74 -8.34 -5.84
N ASN B 160 -3.94 -7.90 -5.44
CA ASN B 160 -5.17 -8.16 -6.19
C ASN B 160 -5.13 -7.68 -7.65
N GLU B 161 -4.49 -6.54 -7.89
CA GLU B 161 -4.35 -6.02 -9.26
C GLU B 161 -2.94 -6.17 -9.85
N PHE B 162 -2.26 -7.24 -9.42
CA PHE B 162 -0.96 -7.67 -9.97
C PHE B 162 0.18 -6.63 -9.86
N HIS B 163 0.13 -5.84 -8.79
CA HIS B 163 1.21 -4.95 -8.44
C HIS B 163 2.20 -5.65 -7.51
N VAL B 164 3.47 -5.27 -7.63
CA VAL B 164 4.57 -5.94 -6.95
C VAL B 164 4.66 -5.57 -5.47
N LYS B 165 4.89 -6.60 -4.64
CA LYS B 165 5.30 -6.43 -3.24
C LYS B 165 6.49 -7.34 -2.99
N ILE B 166 7.65 -6.74 -2.72
CA ILE B 166 8.86 -7.49 -2.40
C ILE B 166 8.73 -8.07 -0.98
N ALA B 167 9.02 -9.36 -0.86
CA ALA B 167 8.94 -10.07 0.41
C ALA B 167 10.22 -10.83 0.77
N ASP B 168 10.20 -11.47 1.94
CA ASP B 168 11.26 -12.32 2.47
C ASP B 168 12.58 -11.58 2.69
N PHE B 169 12.63 -10.87 3.80
CA PHE B 169 13.80 -10.12 4.22
C PHE B 169 14.67 -10.91 5.22
N GLY B 170 14.54 -12.24 5.18
CA GLY B 170 15.26 -13.14 6.08
C GLY B 170 16.78 -13.12 5.97
N LEU B 171 17.28 -12.86 4.77
CA LEU B 171 18.72 -12.77 4.49
C LEU B 171 19.22 -11.33 4.26
N SER B 172 18.37 -10.34 4.55
N SER B 172 18.37 -10.34 4.55
CA SER B 172 18.69 -8.94 4.29
CA SER B 172 18.67 -8.94 4.32
C SER B 172 19.69 -8.35 5.28
C SER B 172 19.73 -8.37 5.28
N LYS B 173 20.50 -7.41 4.79
CA LYS B 173 21.58 -6.77 5.56
C LYS B 173 21.56 -5.25 5.43
N TRP B 174 21.95 -4.56 6.50
CA TRP B 174 22.27 -3.14 6.45
C TRP B 174 23.75 -2.99 6.05
N ARG B 175 24.03 -2.12 5.07
CA ARG B 175 25.38 -1.97 4.51
C ARG B 175 26.40 -1.39 5.49
N MET B 176 26.22 -0.13 5.90
CA MET B 176 27.14 0.53 6.85
C MET B 176 26.46 0.87 8.18
N GLY B 192 17.95 -23.60 -0.30
CA GLY B 192 17.68 -22.47 -1.19
C GLY B 192 18.42 -22.55 -2.52
N THR B 193 17.80 -22.01 -3.57
CA THR B 193 18.40 -22.00 -4.90
C THR B 193 19.50 -20.94 -5.08
N ILE B 194 20.50 -21.30 -5.87
CA ILE B 194 21.69 -20.47 -6.10
C ILE B 194 21.69 -19.77 -7.46
N ILE B 195 20.62 -19.99 -8.23
CA ILE B 195 20.53 -19.47 -9.61
C ILE B 195 20.43 -17.93 -9.70
N TYR B 196 20.03 -17.30 -8.60
CA TYR B 196 19.92 -15.83 -8.53
C TYR B 196 21.14 -15.17 -7.88
N MET B 197 22.11 -15.99 -7.51
CA MET B 197 23.29 -15.55 -6.75
C MET B 197 24.46 -15.24 -7.68
N PRO B 198 25.11 -14.07 -7.50
CA PRO B 198 26.31 -13.76 -8.32
C PRO B 198 27.46 -14.69 -7.95
N PRO B 199 28.31 -15.05 -8.93
CA PRO B 199 29.38 -16.04 -8.69
C PRO B 199 30.36 -15.69 -7.57
N GLU B 200 30.61 -14.39 -7.34
CA GLU B 200 31.55 -13.95 -6.28
C GLU B 200 31.05 -14.26 -4.86
N ASN B 201 29.76 -14.54 -4.74
CA ASN B 201 29.12 -14.85 -3.45
C ASN B 201 29.26 -16.30 -3.05
N TYR B 202 29.83 -17.14 -3.92
CA TYR B 202 29.86 -18.60 -3.68
C TYR B 202 30.72 -19.07 -2.51
N GLU B 203 31.76 -18.30 -2.19
CA GLU B 203 32.88 -18.75 -1.34
C GLU B 203 33.36 -17.63 -0.38
N PRO B 204 33.77 -17.99 0.86
CA PRO B 204 34.18 -16.94 1.81
C PRO B 204 35.65 -16.55 1.68
N GLN B 206 38.98 -11.84 2.11
CA GLN B 206 38.17 -10.85 2.81
C GLN B 206 36.91 -10.49 2.02
N LYS B 207 35.81 -10.26 2.75
CA LYS B 207 34.55 -9.78 2.17
C LYS B 207 34.72 -8.32 1.70
N SER B 208 34.23 -8.04 0.49
CA SER B 208 34.43 -6.73 -0.16
C SER B 208 33.14 -5.97 -0.52
N ARG B 209 33.29 -4.96 -1.37
CA ARG B 209 32.19 -4.11 -1.87
C ARG B 209 31.41 -4.74 -3.04
N ALA B 210 31.75 -5.99 -3.37
CA ALA B 210 31.01 -6.79 -4.36
C ALA B 210 29.69 -7.33 -3.80
N SER B 211 29.57 -7.33 -2.46
CA SER B 211 28.32 -7.65 -1.76
C SER B 211 27.24 -6.58 -1.96
N ILE B 212 27.63 -5.43 -2.50
CA ILE B 212 26.71 -4.35 -2.83
C ILE B 212 25.95 -4.61 -4.14
N LYS B 213 26.58 -5.34 -5.05
CA LYS B 213 26.02 -5.62 -6.39
C LYS B 213 25.37 -7.01 -6.53
N HIS B 214 24.98 -7.60 -5.41
CA HIS B 214 24.26 -8.87 -5.34
C HIS B 214 22.85 -8.74 -5.96
N ASP B 215 22.08 -7.75 -5.49
CA ASP B 215 20.68 -7.58 -5.87
C ASP B 215 20.46 -7.34 -7.37
N ILE B 216 21.37 -6.58 -7.99
CA ILE B 216 21.28 -6.32 -9.42
C ILE B 216 21.50 -7.57 -10.28
N TYR B 217 22.38 -8.47 -9.82
CA TYR B 217 22.59 -9.77 -10.49
C TYR B 217 21.28 -10.57 -10.50
N SER B 218 20.68 -10.69 -9.31
CA SER B 218 19.39 -11.38 -9.13
C SER B 218 18.32 -10.78 -10.02
N TYR B 219 18.28 -9.44 -10.06
CA TYR B 219 17.34 -8.70 -10.90
C TYR B 219 17.48 -9.05 -12.38
N ALA B 220 18.72 -9.20 -12.86
CA ALA B 220 18.99 -9.59 -14.24
C ALA B 220 18.43 -10.97 -14.59
N VAL B 221 18.62 -11.92 -13.66
CA VAL B 221 18.08 -13.28 -13.81
C VAL B 221 16.56 -13.25 -13.81
N ILE B 222 15.97 -12.48 -12.89
CA ILE B 222 14.52 -12.27 -12.81
C ILE B 222 13.99 -11.67 -14.12
N THR B 223 14.69 -10.66 -14.67
CA THR B 223 14.32 -10.04 -15.94
C THR B 223 14.30 -11.08 -17.07
N TRP B 224 15.35 -11.89 -17.14
CA TRP B 224 15.43 -13.00 -18.07
C TRP B 224 14.23 -13.95 -17.90
N GLU B 225 13.95 -14.30 -16.65
CA GLU B 225 12.84 -15.21 -16.29
C GLU B 225 11.47 -14.66 -16.67
N VAL B 226 11.25 -13.37 -16.44
CA VAL B 226 10.00 -12.68 -16.77
C VAL B 226 9.76 -12.66 -18.29
N LEU B 227 10.81 -12.37 -19.05
CA LEU B 227 10.69 -12.23 -20.51
C LEU B 227 10.60 -13.58 -21.25
N SER B 228 11.10 -14.64 -20.63
CA SER B 228 11.15 -15.96 -21.27
C SER B 228 10.03 -16.90 -20.82
N ARG B 229 9.59 -16.75 -19.58
CA ARG B 229 8.73 -17.71 -18.87
C ARG B 229 9.38 -19.10 -18.78
N LYS B 230 10.70 -19.13 -18.54
CA LYS B 230 11.49 -20.35 -18.44
C LYS B 230 12.28 -20.42 -17.13
N GLN B 231 12.50 -21.64 -16.62
CA GLN B 231 13.38 -21.87 -15.46
C GLN B 231 14.81 -21.63 -15.90
N PRO B 232 15.53 -20.70 -15.22
CA PRO B 232 16.95 -20.51 -15.53
C PRO B 232 17.74 -21.78 -15.24
N PHE B 233 18.57 -22.19 -16.20
CA PHE B 233 19.33 -23.45 -16.17
C PHE B 233 18.44 -24.69 -16.02
N GLU B 234 17.34 -24.69 -16.76
CA GLU B 234 16.36 -25.78 -16.80
C GLU B 234 17.03 -27.11 -17.16
N ASP B 235 17.92 -27.06 -18.15
CA ASP B 235 18.59 -28.23 -18.71
C ASP B 235 19.75 -28.78 -17.85
N VAL B 236 20.19 -27.99 -16.88
CA VAL B 236 21.25 -28.42 -15.96
C VAL B 236 20.61 -28.93 -14.67
N THR B 237 20.87 -30.20 -14.36
CA THR B 237 20.21 -30.89 -13.25
C THR B 237 20.94 -30.76 -11.90
N ASN B 238 22.27 -30.88 -11.93
CA ASN B 238 23.11 -30.75 -10.73
C ASN B 238 23.39 -29.27 -10.44
N PRO B 239 23.02 -28.78 -9.22
CA PRO B 239 23.23 -27.37 -8.88
C PRO B 239 24.70 -26.94 -8.79
N LEU B 240 25.58 -27.89 -8.45
CA LEU B 240 27.02 -27.64 -8.47
C LEU B 240 27.53 -27.39 -9.87
N GLN B 241 26.92 -28.03 -10.85
CA GLN B 241 27.24 -27.81 -12.26
C GLN B 241 26.85 -26.39 -12.70
N ILE B 242 25.69 -25.92 -12.22
CA ILE B 242 25.26 -24.53 -12.43
C ILE B 242 26.33 -23.58 -11.86
N MET B 243 26.75 -23.84 -10.62
CA MET B 243 27.76 -23.03 -9.94
C MET B 243 29.09 -22.95 -10.69
N TYR B 244 29.64 -24.09 -11.10
CA TYR B 244 30.86 -24.11 -11.91
C TYR B 244 30.68 -23.31 -13.21
N SER B 245 29.58 -23.58 -13.92
CA SER B 245 29.26 -22.89 -15.18
C SER B 245 29.18 -21.38 -15.02
N VAL B 246 28.47 -20.93 -13.99
CA VAL B 246 28.29 -19.50 -13.70
C VAL B 246 29.63 -18.82 -13.37
N SER B 247 30.46 -19.50 -12.58
CA SER B 247 31.79 -18.99 -12.20
C SER B 247 32.74 -18.86 -13.40
N GLN B 248 32.48 -19.62 -14.46
CA GLN B 248 33.24 -19.58 -15.71
C GLN B 248 32.63 -18.61 -16.74
N GLY B 249 31.52 -17.97 -16.37
CA GLY B 249 30.87 -16.96 -17.21
C GLY B 249 29.60 -17.36 -17.94
N HIS B 250 29.18 -18.62 -17.79
CA HIS B 250 27.94 -19.11 -18.41
C HIS B 250 26.73 -18.51 -17.70
N ARG B 251 25.72 -18.18 -18.50
CA ARG B 251 24.50 -17.53 -18.02
C ARG B 251 23.28 -18.22 -18.63
N PRO B 252 22.06 -17.93 -18.13
CA PRO B 252 20.88 -18.47 -18.83
C PRO B 252 20.87 -18.12 -20.32
N VAL B 253 20.41 -19.06 -21.13
CA VAL B 253 20.57 -19.02 -22.59
C VAL B 253 19.79 -17.87 -23.25
N ILE B 254 20.47 -17.09 -24.09
CA ILE B 254 19.84 -16.05 -24.90
C ILE B 254 19.93 -16.43 -26.39
N ASN B 255 18.77 -16.82 -26.93
CA ASN B 255 18.58 -17.04 -28.36
C ASN B 255 17.11 -16.76 -28.71
N GLU B 256 16.69 -17.15 -29.91
CA GLU B 256 15.31 -16.93 -30.35
C GLU B 256 14.29 -17.81 -29.62
N GLU B 257 14.72 -19.01 -29.21
CA GLU B 257 13.85 -19.96 -28.53
C GLU B 257 13.50 -19.50 -27.11
N SER B 258 14.50 -19.01 -26.38
CA SER B 258 14.33 -18.55 -24.99
C SER B 258 13.72 -17.15 -24.92
N LEU B 259 14.32 -16.21 -25.64
CA LEU B 259 13.81 -14.84 -25.74
C LEU B 259 13.34 -14.56 -27.17
N PRO B 260 12.01 -14.70 -27.41
CA PRO B 260 11.43 -14.55 -28.75
C PRO B 260 11.65 -13.16 -29.36
N TYR B 261 11.63 -13.09 -30.70
CA TYR B 261 11.89 -11.84 -31.41
C TYR B 261 10.87 -10.73 -31.17
N ASP B 262 9.66 -11.11 -30.76
CA ASP B 262 8.56 -10.16 -30.56
C ASP B 262 8.54 -9.45 -29.19
N ILE B 263 9.59 -9.64 -28.37
CA ILE B 263 9.76 -8.87 -27.13
C ILE B 263 10.00 -7.40 -27.49
N PRO B 264 9.17 -6.47 -26.96
CA PRO B 264 9.42 -5.04 -27.16
C PRO B 264 10.82 -4.66 -26.66
N HIS B 265 11.54 -3.88 -27.47
CA HIS B 265 12.91 -3.40 -27.17
C HIS B 265 13.90 -4.53 -26.82
N ARG B 266 13.77 -5.65 -27.54
CA ARG B 266 14.57 -6.86 -27.31
C ARG B 266 16.08 -6.58 -27.22
N ALA B 267 16.59 -5.75 -28.12
CA ALA B 267 18.01 -5.39 -28.16
C ALA B 267 18.48 -4.69 -26.87
N ARG B 268 17.73 -3.69 -26.42
CA ARG B 268 18.04 -2.95 -25.18
C ARG B 268 18.00 -3.87 -23.98
N MET B 269 16.96 -4.71 -23.92
CA MET B 269 16.70 -5.58 -22.79
C MET B 269 17.80 -6.63 -22.61
N ILE B 270 18.19 -7.28 -23.72
CA ILE B 270 19.32 -8.22 -23.73
C ILE B 270 20.59 -7.52 -23.27
N SER B 271 20.85 -6.33 -23.83
CA SER B 271 22.00 -5.51 -23.45
C SER B 271 22.01 -5.21 -21.95
N LEU B 272 20.86 -4.79 -21.44
CA LEU B 272 20.68 -4.49 -20.03
C LEU B 272 20.84 -5.72 -19.13
N ILE B 273 20.17 -6.82 -19.48
CA ILE B 273 20.27 -8.11 -18.77
C ILE B 273 21.74 -8.50 -18.61
N GLU B 274 22.46 -8.50 -19.73
CA GLU B 274 23.84 -8.97 -19.78
C GLU B 274 24.82 -8.08 -18.99
N SER B 275 24.51 -6.79 -18.93
CA SER B 275 25.26 -5.87 -18.04
C SER B 275 24.87 -6.12 -16.58
N GLY B 276 23.59 -6.41 -16.35
CA GLY B 276 23.07 -6.70 -15.01
C GLY B 276 23.68 -7.91 -14.36
N TRP B 277 23.95 -8.96 -15.15
CA TRP B 277 24.58 -10.18 -14.62
C TRP B 277 26.06 -10.38 -15.03
N ALA B 278 26.75 -9.26 -15.26
CA ALA B 278 28.15 -9.27 -15.68
C ALA B 278 29.07 -9.97 -14.68
N GLN B 279 30.07 -10.69 -15.20
CA GLN B 279 31.04 -11.40 -14.37
C GLN B 279 31.74 -10.46 -13.40
N ASN B 280 32.23 -9.33 -13.91
CA ASN B 280 32.80 -8.26 -13.09
C ASN B 280 31.67 -7.43 -12.48
N PRO B 281 31.60 -7.34 -11.12
CA PRO B 281 30.57 -6.53 -10.45
C PRO B 281 30.58 -5.05 -10.83
N ASP B 282 31.74 -4.50 -11.17
CA ASP B 282 31.87 -3.09 -11.56
C ASP B 282 31.15 -2.74 -12.87
N GLU B 283 30.85 -3.75 -13.68
CA GLU B 283 30.13 -3.59 -14.94
C GLU B 283 28.62 -3.57 -14.76
N ARG B 284 28.16 -3.91 -13.55
CA ARG B 284 26.74 -4.00 -13.22
C ARG B 284 26.23 -2.66 -12.70
N PRO B 285 25.02 -2.22 -13.13
CA PRO B 285 24.54 -0.91 -12.69
C PRO B 285 24.02 -0.89 -11.24
N SER B 286 23.94 0.31 -10.67
CA SER B 286 23.11 0.55 -9.49
C SER B 286 21.65 0.56 -9.95
N PHE B 287 20.71 0.36 -9.02
CA PHE B 287 19.29 0.35 -9.37
C PHE B 287 18.77 1.71 -9.86
N LEU B 288 19.37 2.79 -9.38
CA LEU B 288 19.12 4.13 -9.91
C LEU B 288 19.49 4.20 -11.41
N LYS B 289 20.70 3.73 -11.73
CA LYS B 289 21.21 3.66 -13.10
C LYS B 289 20.33 2.76 -13.96
N CYS B 290 19.90 1.64 -13.38
CA CYS B 290 19.01 0.69 -14.03
C CYS B 290 17.64 1.30 -14.34
N LEU B 291 17.09 2.07 -13.41
CA LEU B 291 15.84 2.78 -13.64
C LEU B 291 15.96 3.86 -14.72
N ILE B 292 17.07 4.60 -14.71
CA ILE B 292 17.41 5.57 -15.77
C ILE B 292 17.39 4.85 -17.14
N GLU B 293 18.08 3.72 -17.22
CA GLU B 293 18.20 2.93 -18.45
C GLU B 293 16.86 2.34 -18.92
N LEU B 294 16.01 1.94 -17.96
CA LEU B 294 14.71 1.33 -18.29
C LEU B 294 13.66 2.29 -18.82
N GLU B 295 13.76 3.57 -18.43
CA GLU B 295 12.70 4.56 -18.73
C GLU B 295 12.47 4.87 -20.24
N PRO B 296 13.52 4.81 -21.10
CA PRO B 296 13.29 4.76 -22.56
C PRO B 296 12.35 3.64 -23.02
N VAL B 297 12.49 2.46 -22.42
CA VAL B 297 11.68 1.28 -22.76
C VAL B 297 10.24 1.43 -22.27
N LEU B 298 10.07 1.89 -21.04
CA LEU B 298 8.76 1.99 -20.39
C LEU B 298 7.90 3.15 -20.89
N ARG B 299 8.57 4.13 -21.53
CA ARG B 299 7.91 5.31 -22.10
C ARG B 299 6.91 4.95 -23.21
N THR B 300 7.10 3.79 -23.84
CA THR B 300 6.29 3.35 -24.99
C THR B 300 5.07 2.48 -24.61
N PHE B 301 4.73 2.46 -23.32
CA PHE B 301 3.65 1.61 -22.79
C PHE B 301 2.50 2.41 -22.16
N GLU B 302 1.39 1.71 -21.89
CA GLU B 302 0.25 2.25 -21.12
C GLU B 302 -0.17 1.25 -20.04
#